data_8T90
#
_entry.id   8T90
#
_cell.length_a   64.263
_cell.length_b   103.120
_cell.length_c   103.898
_cell.angle_alpha   90.00
_cell.angle_beta   90.00
_cell.angle_gamma   90.00
#
_symmetry.space_group_name_H-M   'C 2 2 21'
#
loop_
_entity.id
_entity.type
_entity.pdbx_description
1 polymer Kinase
2 non-polymer "ADENOSINE-5'-DIPHOSPHATE"
3 non-polymer 'MAGNESIUM ION'
4 non-polymer '(1R,2R,3R,4S,5R,6R)-6-hydroxycyclohexane-1,2,3,4,5-pentayl pentakis[dihydrogen (phosphate)]'
5 water water
#
_entity_poly.entity_id   1
_entity_poly.type   'polypeptide(L)'
_entity_poly.pdbx_seq_one_letter_code
;DITNMSNIDLQSSKSVADEVIADIAEIVNKESIRIFPRIAGRSYIIYGQTSGIICKRMEKSDNEFVIYNYISEHYDKFLK
KYVPKLYGKNNDMLLLEDLTYNYNNPNVMDVKIGARKRKSHTSGFFSIRGYTNSHDYKFDPDEYLTSESTINHIKNFMEA
GGENRDKTKQVLLKWIMKLSELANDLFEINLKFDGVSLIFIYDDDCSKCDVNVVDFSRVKLIDTNDQMTISAVTNLIKIL
SELADNPLN
;
_entity_poly.pdbx_strand_id   A
#
# COMPACT_ATOMS: atom_id res chain seq x y z
N SER A 32 9.41 -6.69 26.22
CA SER A 32 10.54 -6.39 25.30
C SER A 32 9.96 -6.10 23.90
N ILE A 33 10.09 -7.05 22.96
CA ILE A 33 9.76 -6.88 21.52
C ILE A 33 8.30 -7.31 21.26
N ARG A 34 7.49 -6.40 20.69
CA ARG A 34 6.10 -6.65 20.24
C ARG A 34 6.11 -6.72 18.70
N ILE A 35 5.80 -7.90 18.16
CA ILE A 35 5.76 -8.17 16.69
C ILE A 35 4.63 -7.30 16.12
N PHE A 36 4.91 -6.60 15.02
CA PHE A 36 3.87 -5.80 14.30
C PHE A 36 2.95 -6.76 13.55
N PRO A 37 1.60 -6.60 13.58
CA PRO A 37 0.72 -7.45 12.79
C PRO A 37 0.73 -7.12 11.27
N ARG A 38 1.80 -7.50 10.57
CA ARG A 38 1.90 -7.40 9.08
C ARG A 38 0.66 -7.99 8.39
N ILE A 39 0.27 -7.40 7.26
CA ILE A 39 -0.77 -7.96 6.36
C ILE A 39 -0.08 -8.88 5.35
N ALA A 40 1.09 -8.50 4.87
CA ALA A 40 1.81 -9.27 3.84
C ALA A 40 3.31 -9.04 3.99
N GLY A 41 4.07 -9.44 2.98
CA GLY A 41 5.52 -9.27 3.01
C GLY A 41 6.19 -10.41 3.73
N ARG A 42 7.47 -10.27 4.04
CA ARG A 42 8.27 -11.34 4.68
C ARG A 42 9.28 -10.74 5.66
N SER A 43 9.32 -9.42 5.71
CA SER A 43 10.30 -8.65 6.51
C SER A 43 9.99 -8.68 8.01
N TYR A 44 11.04 -8.65 8.81
CA TYR A 44 10.90 -8.55 10.27
C TYR A 44 10.51 -7.11 10.60
N ILE A 45 9.33 -6.94 11.15
CA ILE A 45 8.76 -5.63 11.54
C ILE A 45 8.21 -5.74 12.96
N ILE A 46 8.61 -4.79 13.81
CA ILE A 46 8.21 -4.71 15.25
C ILE A 46 7.70 -3.30 15.55
N TYR A 47 6.86 -3.18 16.56
CA TYR A 47 6.55 -1.87 17.18
C TYR A 47 7.86 -1.22 17.65
N GLY A 48 7.99 0.10 17.45
CA GLY A 48 8.97 0.90 18.19
C GLY A 48 8.73 0.77 19.70
N GLN A 49 9.76 0.98 20.49
CA GLN A 49 9.68 1.12 21.98
C GLN A 49 8.87 2.37 22.35
N THR A 50 8.58 3.22 21.36
CA THR A 50 7.89 4.53 21.41
C THR A 50 6.63 4.46 20.53
N SER A 51 5.60 5.21 20.90
CA SER A 51 4.31 5.32 20.18
C SER A 51 4.52 5.79 18.74
N GLY A 52 3.75 5.21 17.82
CA GLY A 52 3.55 5.74 16.45
C GLY A 52 4.68 5.38 15.50
N ILE A 53 5.55 4.47 15.93
CA ILE A 53 6.76 4.11 15.14
C ILE A 53 6.74 2.60 14.93
N ILE A 54 7.16 2.15 13.75
CA ILE A 54 7.48 0.72 13.47
C ILE A 54 8.92 0.65 12.99
N CYS A 55 9.56 -0.46 13.32
CA CYS A 55 10.96 -0.75 12.96
C CYS A 55 10.94 -1.89 11.94
N LYS A 56 11.47 -1.64 10.75
CA LYS A 56 11.49 -2.63 9.66
C LYS A 56 12.95 -2.96 9.40
N ARG A 57 13.32 -4.23 9.52
CA ARG A 57 14.71 -4.66 9.21
C ARG A 57 14.91 -4.68 7.70
N MET A 58 16.03 -4.16 7.24
CA MET A 58 16.49 -4.32 5.85
C MET A 58 17.26 -5.65 5.79
N GLU A 59 16.68 -6.67 5.18
CA GLU A 59 17.15 -8.08 5.24
C GLU A 59 18.43 -8.26 4.39
N LYS A 60 18.47 -7.76 3.15
CA LYS A 60 19.49 -8.19 2.14
C LYS A 60 20.50 -7.09 1.83
N SER A 61 20.03 -5.85 1.68
CA SER A 61 20.86 -4.63 1.50
C SER A 61 20.17 -3.44 2.16
N ASP A 62 20.89 -2.31 2.20
CA ASP A 62 20.37 -0.99 2.63
C ASP A 62 19.71 -0.26 1.45
N ASN A 63 19.37 -0.94 0.34
CA ASN A 63 18.80 -0.27 -0.85
C ASN A 63 17.54 0.53 -0.47
N GLU A 64 16.69 0.04 0.45
CA GLU A 64 15.47 0.77 0.86
C GLU A 64 15.88 2.15 1.42
N PHE A 65 16.91 2.21 2.27
CA PHE A 65 17.42 3.48 2.84
C PHE A 65 17.94 4.38 1.72
N VAL A 66 18.77 3.85 0.82
CA VAL A 66 19.32 4.64 -0.31
C VAL A 66 18.15 5.27 -1.09
N ILE A 67 17.06 4.53 -1.30
CA ILE A 67 15.95 5.02 -2.14
C ILE A 67 15.12 6.06 -1.38
N TYR A 68 14.81 5.87 -0.08
CA TYR A 68 14.14 6.92 0.72
C TYR A 68 14.96 8.22 0.56
N ASN A 69 16.28 8.16 0.70
CA ASN A 69 17.15 9.36 0.70
C ASN A 69 17.16 9.98 -0.68
N TYR A 70 17.29 9.17 -1.73
CA TYR A 70 17.20 9.67 -3.11
C TYR A 70 15.88 10.40 -3.35
N ILE A 71 14.77 9.83 -2.87
CA ILE A 71 13.44 10.42 -3.19
C ILE A 71 13.35 11.71 -2.39
N SER A 72 13.91 11.73 -1.19
CA SER A 72 13.94 12.94 -0.33
C SER A 72 14.62 14.10 -1.06
N GLU A 73 15.72 13.83 -1.75
CA GLU A 73 16.55 14.86 -2.41
C GLU A 73 15.95 15.25 -3.76
N HIS A 74 15.28 14.35 -4.49
CA HIS A 74 14.89 14.59 -5.90
C HIS A 74 13.39 14.80 -6.09
N TYR A 75 12.55 14.25 -5.20
CA TYR A 75 11.06 14.27 -5.29
C TYR A 75 10.45 14.42 -3.89
N ASP A 76 10.89 15.44 -3.16
CA ASP A 76 10.49 15.62 -1.74
C ASP A 76 8.96 15.69 -1.67
N LYS A 77 8.28 16.26 -2.67
CA LYS A 77 6.81 16.48 -2.58
C LYS A 77 6.13 15.12 -2.64
N PHE A 78 6.59 14.26 -3.54
CA PHE A 78 6.14 12.85 -3.67
C PHE A 78 6.25 12.16 -2.31
N LEU A 79 7.37 12.36 -1.64
CA LEU A 79 7.66 11.67 -0.36
C LEU A 79 6.67 12.14 0.69
N LYS A 80 6.38 13.44 0.74
CA LYS A 80 5.50 14.06 1.75
C LYS A 80 4.06 13.65 1.52
N LYS A 81 3.63 13.54 0.27
CA LYS A 81 2.20 13.25 0.01
C LYS A 81 1.89 11.77 0.22
N TYR A 82 2.76 10.86 -0.21
CA TYR A 82 2.36 9.48 -0.54
C TYR A 82 3.06 8.44 0.36
N VAL A 83 4.08 8.82 1.11
CA VAL A 83 5.02 7.84 1.71
C VAL A 83 5.05 8.01 3.21
N PRO A 84 5.03 6.93 4.01
CA PRO A 84 5.14 7.11 5.45
C PRO A 84 6.50 7.77 5.69
N LYS A 85 6.54 8.64 6.70
CA LYS A 85 7.74 9.32 7.23
C LYS A 85 8.81 8.29 7.61
N LEU A 86 10.03 8.54 7.17
CA LEU A 86 11.23 7.88 7.71
C LEU A 86 11.83 8.79 8.77
N TYR A 87 11.78 8.39 10.03
CA TYR A 87 12.31 9.20 11.15
C TYR A 87 13.80 8.94 11.37
N GLY A 88 14.33 7.79 10.96
CA GLY A 88 15.75 7.52 11.21
C GLY A 88 16.11 6.08 10.94
N LYS A 89 17.34 5.75 11.25
CA LYS A 89 17.92 4.42 11.02
C LYS A 89 18.63 4.00 12.30
N ASN A 90 18.44 2.76 12.72
CA ASN A 90 19.19 2.14 13.85
C ASN A 90 19.80 0.82 13.36
N ASN A 91 21.08 0.86 12.98
CA ASN A 91 21.81 -0.27 12.36
C ASN A 91 21.09 -0.64 11.07
N ASP A 92 20.41 -1.78 11.05
CA ASP A 92 19.69 -2.29 9.86
C ASP A 92 18.18 -2.01 9.98
N MET A 93 17.72 -1.34 11.04
CA MET A 93 16.27 -1.04 11.23
C MET A 93 15.95 0.38 10.73
N LEU A 94 14.94 0.49 9.87
CA LEU A 94 14.29 1.77 9.50
C LEU A 94 13.23 2.09 10.55
N LEU A 95 13.25 3.31 11.11
CA LEU A 95 12.17 3.78 12.00
C LEU A 95 11.13 4.50 11.13
N LEU A 96 9.96 3.90 11.00
CA LEU A 96 8.93 4.38 10.06
C LEU A 96 7.68 4.77 10.84
N GLU A 97 6.99 5.75 10.29
CA GLU A 97 5.64 6.14 10.71
C GLU A 97 4.74 4.90 10.65
N ASP A 98 4.04 4.62 11.74
CA ASP A 98 3.03 3.55 11.78
C ASP A 98 1.76 4.13 11.14
N LEU A 99 1.45 3.71 9.91
CA LEU A 99 0.27 4.19 9.16
C LEU A 99 -1.01 3.77 9.89
N THR A 100 -0.93 2.81 10.82
CA THR A 100 -2.14 2.31 11.54
C THR A 100 -2.34 3.05 12.86
N TYR A 101 -1.47 3.97 13.24
CA TYR A 101 -1.44 4.53 14.62
C TYR A 101 -2.69 5.34 14.99
N ASN A 102 -3.20 6.20 14.10
CA ASN A 102 -4.33 7.11 14.49
C ASN A 102 -5.70 6.43 14.31
N TYR A 103 -5.78 5.10 14.36
CA TYR A 103 -7.03 4.37 14.04
C TYR A 103 -7.45 3.56 15.25
N ASN A 104 -8.72 3.65 15.63
CA ASN A 104 -9.34 2.77 16.66
C ASN A 104 -9.40 1.35 16.14
N ASN A 105 -9.89 1.14 14.91
CA ASN A 105 -10.10 -0.21 14.32
C ASN A 105 -9.64 -0.19 12.86
N PRO A 106 -8.32 -0.27 12.61
CA PRO A 106 -7.82 -0.20 11.25
C PRO A 106 -8.15 -1.48 10.49
N ASN A 107 -8.60 -1.34 9.26
CA ASN A 107 -8.55 -2.43 8.25
C ASN A 107 -7.50 -2.08 7.23
N VAL A 108 -6.64 -3.04 6.91
CA VAL A 108 -5.45 -2.81 6.06
C VAL A 108 -5.51 -3.77 4.88
N MET A 109 -5.29 -3.24 3.68
CA MET A 109 -5.07 -4.05 2.47
C MET A 109 -3.72 -3.65 1.84
N ASP A 110 -2.89 -4.65 1.54
CA ASP A 110 -1.59 -4.48 0.85
C ASP A 110 -1.83 -4.88 -0.60
N VAL A 111 -1.69 -3.96 -1.56
CA VAL A 111 -1.76 -4.27 -3.01
C VAL A 111 -0.41 -3.93 -3.61
N LYS A 112 0.28 -4.93 -4.13
CA LYS A 112 1.52 -4.75 -4.93
C LYS A 112 1.15 -4.16 -6.30
N ILE A 113 1.68 -2.98 -6.59
CA ILE A 113 1.46 -2.20 -7.84
C ILE A 113 2.74 -2.16 -8.67
N GLY A 114 3.91 -2.32 -8.06
CA GLY A 114 5.16 -2.44 -8.82
C GLY A 114 5.35 -3.86 -9.37
N ALA A 115 6.29 -4.05 -10.30
CA ALA A 115 6.57 -5.37 -10.91
C ALA A 115 6.90 -6.35 -9.79
N ARG A 116 6.39 -7.57 -9.88
CA ARG A 116 6.82 -8.70 -9.04
C ARG A 116 8.16 -9.18 -9.56
N LYS A 117 8.89 -9.96 -8.78
CA LYS A 117 10.26 -10.35 -9.15
C LYS A 117 10.21 -11.18 -10.44
N ARG A 118 9.55 -12.34 -10.41
CA ARG A 118 9.51 -13.27 -11.56
C ARG A 118 8.10 -13.52 -12.06
N LYS A 119 7.13 -13.68 -11.14
CA LYS A 119 5.71 -14.01 -11.44
C LYS A 119 4.99 -12.85 -12.14
N SER A 120 3.87 -13.13 -12.78
CA SER A 120 2.94 -12.10 -13.29
C SER A 120 1.93 -11.74 -12.18
N HIS A 121 1.16 -10.67 -12.36
CA HIS A 121 0.24 -10.14 -11.33
C HIS A 121 -0.96 -11.10 -11.22
N THR A 122 -1.39 -11.42 -10.00
CA THR A 122 -2.58 -12.25 -9.73
C THR A 122 -3.85 -11.60 -10.30
N SER A 123 -3.94 -10.27 -10.43
CA SER A 123 -5.11 -9.57 -11.03
C SER A 123 -4.69 -8.79 -12.27
N GLY A 124 -3.63 -9.23 -12.95
CA GLY A 124 -3.24 -8.72 -14.29
C GLY A 124 -2.37 -7.50 -14.16
N PHE A 125 -2.88 -6.42 -13.57
CA PHE A 125 -2.12 -5.14 -13.45
C PHE A 125 -1.56 -4.93 -12.03
N PHE A 126 -2.03 -5.68 -11.04
CA PHE A 126 -1.57 -5.60 -9.63
C PHE A 126 -1.88 -6.93 -8.96
N SER A 127 -1.37 -7.17 -7.76
CA SER A 127 -1.68 -8.36 -6.92
C SER A 127 -2.03 -7.89 -5.51
N ILE A 128 -3.25 -8.18 -5.05
CA ILE A 128 -3.62 -8.06 -3.62
C ILE A 128 -2.75 -9.06 -2.87
N ARG A 129 -2.00 -8.63 -1.87
CA ARG A 129 -1.08 -9.53 -1.12
C ARG A 129 -1.72 -9.96 0.18
N GLY A 130 -2.70 -9.22 0.67
CA GLY A 130 -3.43 -9.58 1.89
C GLY A 130 -4.32 -8.45 2.35
N TYR A 131 -5.16 -8.76 3.32
CA TYR A 131 -6.02 -7.75 3.97
C TYR A 131 -6.56 -8.31 5.28
N THR A 132 -6.97 -7.38 6.15
CA THR A 132 -7.52 -7.64 7.48
C THR A 132 -8.71 -8.59 7.26
N ASN A 133 -8.68 -9.78 7.86
CA ASN A 133 -9.79 -10.78 7.94
C ASN A 133 -9.81 -11.65 6.68
N SER A 134 -8.76 -11.62 5.86
CA SER A 134 -8.76 -12.28 4.54
C SER A 134 -8.95 -13.80 4.74
N HIS A 135 -8.43 -14.34 5.82
CA HIS A 135 -8.55 -15.79 6.12
C HIS A 135 -10.04 -16.17 6.16
N ASP A 136 -10.92 -15.30 6.66
CA ASP A 136 -12.39 -15.55 6.73
C ASP A 136 -13.00 -15.76 5.33
N TYR A 137 -12.39 -15.25 4.26
CA TYR A 137 -12.93 -15.35 2.87
C TYR A 137 -12.08 -16.29 2.05
N LYS A 138 -11.20 -17.06 2.70
CA LYS A 138 -10.34 -18.06 2.01
C LYS A 138 -9.53 -17.36 0.94
N PHE A 139 -9.07 -16.14 1.21
CA PHE A 139 -8.10 -15.44 0.34
C PHE A 139 -6.78 -16.22 0.36
N ASP A 140 -6.18 -16.33 -0.82
CA ASP A 140 -4.90 -17.03 -1.04
C ASP A 140 -4.03 -16.17 -1.94
N PRO A 141 -2.88 -15.71 -1.44
CA PRO A 141 -2.04 -14.84 -2.26
C PRO A 141 -1.39 -15.49 -3.49
N ASP A 142 -1.43 -16.81 -3.62
CA ASP A 142 -0.83 -17.53 -4.79
C ASP A 142 -1.90 -17.69 -5.88
N GLU A 143 -3.16 -17.46 -5.55
CA GLU A 143 -4.30 -17.72 -6.47
C GLU A 143 -4.40 -16.59 -7.50
N TYR A 144 -4.27 -16.91 -8.79
CA TYR A 144 -4.59 -16.02 -9.92
C TYR A 144 -6.11 -15.81 -9.92
N LEU A 145 -6.58 -14.57 -10.11
CA LEU A 145 -8.00 -14.17 -9.98
C LEU A 145 -8.52 -13.60 -11.31
N THR A 146 -9.82 -13.79 -11.54
CA THR A 146 -10.63 -13.10 -12.57
C THR A 146 -10.93 -11.70 -12.03
N SER A 147 -11.39 -10.80 -12.89
CA SER A 147 -11.94 -9.49 -12.53
C SER A 147 -13.01 -9.65 -11.47
N GLU A 148 -13.83 -10.70 -11.60
CA GLU A 148 -14.98 -10.89 -10.69
C GLU A 148 -14.42 -11.15 -9.27
N SER A 149 -13.44 -12.05 -9.15
CA SER A 149 -12.88 -12.48 -7.84
C SER A 149 -12.06 -11.34 -7.22
N THR A 150 -11.31 -10.60 -8.04
CA THR A 150 -10.54 -9.39 -7.66
C THR A 150 -11.49 -8.42 -6.97
N ILE A 151 -12.60 -8.10 -7.63
CA ILE A 151 -13.59 -7.11 -7.13
C ILE A 151 -14.16 -7.68 -5.84
N ASN A 152 -14.47 -8.97 -5.81
CA ASN A 152 -15.09 -9.60 -4.60
C ASN A 152 -14.15 -9.49 -3.39
N HIS A 153 -12.85 -9.73 -3.58
CA HIS A 153 -11.84 -9.60 -2.49
C HIS A 153 -11.79 -8.17 -1.95
N ILE A 154 -11.91 -7.16 -2.82
CA ILE A 154 -11.91 -5.73 -2.38
C ILE A 154 -13.21 -5.47 -1.63
N LYS A 155 -14.32 -6.02 -2.12
CA LYS A 155 -15.63 -5.95 -1.41
C LYS A 155 -15.54 -6.62 -0.04
N ASN A 156 -14.86 -7.76 0.05
CA ASN A 156 -14.64 -8.50 1.33
C ASN A 156 -13.90 -7.58 2.30
N PHE A 157 -12.88 -6.87 1.80
CA PHE A 157 -12.05 -5.93 2.60
C PHE A 157 -12.90 -4.78 3.14
N MET A 158 -13.87 -4.30 2.38
CA MET A 158 -14.78 -3.19 2.76
C MET A 158 -15.87 -3.70 3.73
N GLU A 159 -16.05 -5.01 3.94
CA GLU A 159 -17.22 -5.51 4.75
C GLU A 159 -17.11 -4.97 6.17
N ALA A 160 -15.93 -4.93 6.77
CA ALA A 160 -15.76 -4.42 8.15
C ALA A 160 -16.32 -3.00 8.30
N GLY A 161 -16.57 -2.28 7.21
CA GLY A 161 -17.01 -0.87 7.26
C GLY A 161 -18.53 -0.73 7.43
N GLY A 162 -19.25 -1.86 7.46
CA GLY A 162 -20.66 -1.86 7.84
C GLY A 162 -21.59 -1.48 6.70
N GLU A 163 -22.86 -1.25 7.05
CA GLU A 163 -24.03 -1.29 6.13
C GLU A 163 -24.27 0.10 5.54
N ASN A 164 -23.71 1.16 6.15
CA ASN A 164 -23.88 2.57 5.72
C ASN A 164 -23.15 2.80 4.39
N ARG A 165 -23.81 2.42 3.29
CA ARG A 165 -23.44 2.67 1.86
C ARG A 165 -22.73 4.02 1.69
N ASP A 166 -23.35 5.11 2.17
CA ASP A 166 -22.85 6.49 2.04
C ASP A 166 -21.46 6.64 2.68
N LYS A 167 -21.22 6.05 3.85
CA LYS A 167 -19.90 6.17 4.55
C LYS A 167 -18.84 5.35 3.81
N THR A 168 -19.14 4.16 3.28
CA THR A 168 -18.10 3.33 2.59
C THR A 168 -17.79 4.01 1.24
N LYS A 169 -18.81 4.57 0.62
CA LYS A 169 -18.67 5.31 -0.65
C LYS A 169 -17.71 6.52 -0.46
N GLN A 170 -17.77 7.22 0.66
CA GLN A 170 -16.86 8.34 1.01
C GLN A 170 -15.42 7.83 1.19
N VAL A 171 -15.20 6.72 1.89
CA VAL A 171 -13.90 6.01 1.90
C VAL A 171 -13.38 5.76 0.47
N LEU A 172 -14.18 5.19 -0.40
CA LEU A 172 -13.71 4.85 -1.76
C LEU A 172 -13.31 6.15 -2.50
N LEU A 173 -14.10 7.22 -2.37
CA LEU A 173 -13.91 8.49 -3.12
C LEU A 173 -12.63 9.20 -2.66
N LYS A 174 -12.33 9.12 -1.36
CA LYS A 174 -11.09 9.68 -0.81
C LYS A 174 -9.90 8.85 -1.28
N TRP A 175 -10.02 7.53 -1.40
CA TRP A 175 -8.95 6.72 -1.99
C TRP A 175 -8.75 7.12 -3.46
N ILE A 176 -9.84 7.23 -4.21
CA ILE A 176 -9.81 7.63 -5.65
C ILE A 176 -9.15 9.01 -5.78
N MET A 177 -9.47 9.91 -4.87
CA MET A 177 -8.87 11.25 -4.88
C MET A 177 -7.34 11.17 -4.78
N LYS A 178 -6.82 10.43 -3.82
CA LYS A 178 -5.36 10.36 -3.63
C LYS A 178 -4.73 9.49 -4.73
N LEU A 179 -5.33 8.40 -5.14
CA LEU A 179 -4.70 7.52 -6.17
C LEU A 179 -4.65 8.27 -7.52
N SER A 180 -5.62 9.12 -7.81
CA SER A 180 -5.70 9.78 -9.14
C SER A 180 -4.58 10.84 -9.16
N GLU A 181 -4.31 11.48 -8.03
CA GLU A 181 -3.19 12.43 -7.91
C GLU A 181 -1.85 11.66 -7.99
N LEU A 182 -1.75 10.49 -7.38
CA LEU A 182 -0.51 9.67 -7.42
C LEU A 182 -0.21 9.23 -8.88
N ALA A 183 -1.20 8.70 -9.57
CA ALA A 183 -1.07 8.30 -10.98
C ALA A 183 -0.58 9.51 -11.80
N ASN A 184 -1.20 10.68 -11.61
CA ASN A 184 -0.77 11.95 -12.25
C ASN A 184 0.71 12.21 -11.96
N ASP A 185 1.10 12.23 -10.69
CA ASP A 185 2.46 12.59 -10.24
C ASP A 185 3.49 11.56 -10.75
N LEU A 186 3.12 10.30 -10.87
CA LEU A 186 4.06 9.22 -11.30
C LEU A 186 4.58 9.48 -12.73
N PHE A 187 3.84 10.17 -13.59
CA PHE A 187 4.29 10.45 -14.98
C PHE A 187 5.61 11.23 -15.00
N GLU A 188 5.93 11.94 -13.93
CA GLU A 188 7.09 12.86 -13.86
C GLU A 188 8.15 12.29 -12.92
N ILE A 189 8.13 11.00 -12.60
CA ILE A 189 9.11 10.40 -11.66
C ILE A 189 9.85 9.28 -12.35
N ASN A 190 11.18 9.40 -12.39
CA ASN A 190 12.05 8.48 -13.18
C ASN A 190 12.56 7.39 -12.23
N LEU A 191 11.62 6.60 -11.70
CA LEU A 191 11.95 5.42 -10.88
C LEU A 191 11.18 4.25 -11.46
N LYS A 192 11.72 3.05 -11.32
CA LYS A 192 11.01 1.79 -11.61
C LYS A 192 10.59 1.26 -10.25
N PHE A 193 9.30 1.27 -9.95
CA PHE A 193 8.81 1.01 -8.57
C PHE A 193 8.67 -0.50 -8.36
N ASP A 194 9.69 -1.29 -8.73
CA ASP A 194 9.62 -2.76 -8.58
C ASP A 194 9.27 -3.06 -7.13
N GLY A 195 8.24 -3.88 -6.94
CA GLY A 195 7.92 -4.47 -5.64
C GLY A 195 7.20 -3.51 -4.68
N VAL A 196 6.90 -2.26 -5.09
CA VAL A 196 6.25 -1.33 -4.14
C VAL A 196 4.79 -1.75 -3.98
N SER A 197 4.26 -1.48 -2.80
CA SER A 197 2.85 -1.75 -2.46
C SER A 197 2.13 -0.44 -2.12
N LEU A 198 0.83 -0.49 -2.26
CA LEU A 198 -0.17 0.46 -1.73
C LEU A 198 -0.71 -0.15 -0.44
N ILE A 199 -0.75 0.62 0.65
CA ILE A 199 -1.36 0.21 1.93
C ILE A 199 -2.63 1.02 2.08
N PHE A 200 -3.77 0.37 1.78
CA PHE A 200 -5.10 0.98 2.01
C PHE A 200 -5.46 0.78 3.48
N ILE A 201 -5.92 1.84 4.15
CA ILE A 201 -6.38 1.75 5.55
C ILE A 201 -7.71 2.52 5.68
N TYR A 202 -8.68 1.94 6.35
CA TYR A 202 -9.92 2.64 6.77
C TYR A 202 -10.27 2.16 8.19
N ASP A 203 -10.88 3.05 8.95
CA ASP A 203 -11.41 2.73 10.29
C ASP A 203 -12.74 2.03 10.13
N ASP A 204 -13.03 1.05 10.98
CA ASP A 204 -14.36 0.37 11.06
C ASP A 204 -15.51 1.38 10.97
N ASP A 205 -15.45 2.52 11.67
CA ASP A 205 -16.57 3.50 11.68
C ASP A 205 -16.56 4.33 10.38
N CYS A 206 -15.57 4.13 9.51
CA CYS A 206 -15.41 4.82 8.21
C CYS A 206 -15.28 6.32 8.43
N SER A 207 -14.78 6.78 9.57
CA SER A 207 -14.54 8.23 9.84
C SER A 207 -13.19 8.65 9.25
N LYS A 208 -12.33 7.69 8.94
CA LYS A 208 -10.93 8.02 8.55
C LYS A 208 -10.44 6.95 7.58
N CYS A 209 -9.68 7.34 6.56
CA CYS A 209 -9.04 6.37 5.66
C CYS A 209 -7.82 7.05 5.03
N ASP A 210 -6.94 6.26 4.45
CA ASP A 210 -5.80 6.79 3.67
C ASP A 210 -5.28 5.65 2.81
N VAL A 211 -4.34 6.01 1.95
CA VAL A 211 -3.55 5.03 1.16
C VAL A 211 -2.18 5.66 0.95
N ASN A 212 -1.13 4.84 1.06
CA ASN A 212 0.27 5.28 0.99
C ASN A 212 1.07 4.21 0.24
N VAL A 213 2.21 4.62 -0.28
CA VAL A 213 3.16 3.79 -1.03
C VAL A 213 4.23 3.35 -0.05
N VAL A 214 4.48 2.05 0.02
CA VAL A 214 5.53 1.50 0.91
C VAL A 214 6.38 0.49 0.11
N ASP A 215 7.55 0.21 0.70
CA ASP A 215 8.47 -0.91 0.38
C ASP A 215 9.31 -0.54 -0.82
N PHE A 216 10.40 0.18 -0.57
CA PHE A 216 11.29 0.71 -1.63
C PHE A 216 12.52 -0.20 -1.81
N SER A 217 12.53 -1.43 -1.31
CA SER A 217 13.75 -2.28 -1.25
C SER A 217 14.27 -2.64 -2.64
N ARG A 218 13.42 -2.73 -3.66
CA ARG A 218 13.82 -3.11 -5.05
C ARG A 218 13.59 -1.97 -6.06
N VAL A 219 13.44 -0.75 -5.60
CA VAL A 219 13.18 0.39 -6.53
C VAL A 219 14.51 0.77 -7.20
N LYS A 220 14.45 1.17 -8.48
CA LYS A 220 15.64 1.45 -9.32
C LYS A 220 15.48 2.81 -10.01
N LEU A 221 16.61 3.49 -10.27
CA LEU A 221 16.72 4.67 -11.15
C LEU A 221 16.58 4.18 -12.59
N ILE A 222 15.89 4.96 -13.42
CA ILE A 222 15.72 4.76 -14.88
C ILE A 222 15.55 6.16 -15.50
N ASP A 223 15.52 6.26 -16.83
CA ASP A 223 15.58 7.59 -17.50
C ASP A 223 14.21 7.90 -18.11
N THR A 224 13.19 7.11 -17.76
CA THR A 224 11.75 7.37 -18.08
C THR A 224 10.89 7.09 -16.84
N ASN A 225 9.58 7.15 -17.02
CA ASN A 225 8.58 6.89 -15.96
C ASN A 225 8.19 5.41 -16.03
N ASP A 226 7.48 4.94 -15.00
CA ASP A 226 7.11 3.50 -14.82
C ASP A 226 5.65 3.28 -15.26
N GLN A 227 5.45 2.91 -16.54
CA GLN A 227 4.10 2.74 -17.13
C GLN A 227 3.42 1.52 -16.50
N MET A 228 4.18 0.50 -16.13
CA MET A 228 3.56 -0.70 -15.52
C MET A 228 2.90 -0.26 -14.19
N THR A 229 3.60 0.51 -13.37
CA THR A 229 3.12 0.94 -12.04
C THR A 229 1.95 1.93 -12.22
N ILE A 230 2.04 2.84 -13.19
CA ILE A 230 0.92 3.75 -13.54
C ILE A 230 -0.34 2.95 -13.95
N SER A 231 -0.15 1.88 -14.73
CA SER A 231 -1.28 1.01 -15.18
C SER A 231 -1.91 0.32 -13.98
N ALA A 232 -1.09 -0.03 -13.00
CA ALA A 232 -1.60 -0.68 -11.76
C ALA A 232 -2.54 0.32 -11.05
N VAL A 233 -2.10 1.56 -10.93
CA VAL A 233 -2.86 2.56 -10.14
C VAL A 233 -4.11 2.90 -10.94
N THR A 234 -4.03 3.11 -12.26
CA THR A 234 -5.22 3.53 -13.05
C THR A 234 -6.22 2.39 -13.05
N ASN A 235 -5.77 1.14 -13.03
CA ASN A 235 -6.69 -0.02 -13.00
C ASN A 235 -7.43 -0.07 -11.65
N LEU A 236 -6.75 0.23 -10.55
CA LEU A 236 -7.38 0.25 -9.21
C LEU A 236 -8.37 1.41 -9.19
N ILE A 237 -8.01 2.54 -9.80
CA ILE A 237 -8.90 3.72 -9.82
C ILE A 237 -10.18 3.31 -10.53
N LYS A 238 -10.02 2.57 -11.63
CA LYS A 238 -11.17 2.09 -12.42
C LYS A 238 -12.03 1.18 -11.55
N ILE A 239 -11.44 0.21 -10.87
CA ILE A 239 -12.22 -0.73 -10.01
C ILE A 239 -12.90 0.00 -8.86
N LEU A 240 -12.19 0.90 -8.18
CA LEU A 240 -12.77 1.64 -7.03
C LEU A 240 -13.93 2.53 -7.49
N SER A 241 -13.82 3.11 -8.69
CA SER A 241 -14.86 3.98 -9.29
C SER A 241 -16.14 3.18 -9.56
N GLU A 242 -16.02 1.97 -10.10
CA GLU A 242 -17.25 1.15 -10.30
C GLU A 242 -17.86 0.82 -8.94
N LEU A 243 -17.04 0.51 -7.93
CA LEU A 243 -17.59 0.21 -6.59
C LEU A 243 -18.29 1.45 -6.02
N ALA A 244 -17.70 2.62 -6.16
CA ALA A 244 -18.31 3.86 -5.64
C ALA A 244 -19.61 4.19 -6.38
N ASP A 245 -19.72 3.85 -7.66
CA ASP A 245 -20.92 4.17 -8.46
C ASP A 245 -21.98 3.07 -8.42
N ASN A 246 -21.71 1.95 -7.77
CA ASN A 246 -22.68 0.83 -7.79
C ASN A 246 -24.01 1.24 -7.20
N PRO A 247 -25.11 0.90 -7.89
CA PRO A 247 -26.46 1.24 -7.44
C PRO A 247 -26.96 0.32 -6.32
#